data_4Q68
#
_entry.id   4Q68
#
_cell.length_a   46.473
_cell.length_b   63.552
_cell.length_c   73.997
_cell.angle_alpha   90.000
_cell.angle_beta   90.000
_cell.angle_gamma   90.000
#
_symmetry.space_group_name_H-M   'P 21 21 21'
#
loop_
_entity.id
_entity.type
_entity.pdbx_description
1 polymer 'Uncharacterized protein'
2 non-polymer 2-acetamido-2-deoxy-beta-D-glucopyranose
3 non-polymer 'SODIUM ION'
4 water water
#
_entity_poly.entity_id   1
_entity_poly.type   'polypeptide(L)'
_entity_poly.pdbx_seq_one_letter_code
;GQGGKD(MSE)LSNGIKYLDVPYVAHTLEADGPEELVINCDEVDCTTLVEYVLAETLTPKLADGDISESAFADNLQKIRY
RDGKIDGYTSRLHYIADWINNGVRNGFLQDVTGA(MSE)SPDTERLSISY(MSE)SSHPQLYKQLANSPENVAK(MSE)K
KIEQSLSGKEVHYLPKAKLPADGLPWIKDGDIIAITTNTPGLDVAH(MSE)GIAFYADNKLLLVHASSTDKKVVVSKVPL
SQ(MSE)LKDNNKWTGIRVLR(MSE)KK
;
_entity_poly.pdbx_strand_id   A
#
# COMPACT_ATOMS: atom_id res chain seq x y z
N GLY A 1 12.15 12.00 11.76
CA GLY A 1 11.43 13.24 12.15
C GLY A 1 10.07 12.95 12.75
N GLN A 2 9.35 14.02 13.10
CA GLN A 2 8.09 13.88 13.81
C GLN A 2 7.01 13.21 12.96
N GLY A 3 6.99 13.50 11.67
CA GLY A 3 6.02 12.86 10.77
C GLY A 3 6.14 11.35 10.81
N GLY A 4 7.37 10.86 10.73
CA GLY A 4 7.60 9.43 10.78
C GLY A 4 7.21 8.84 12.11
N LYS A 5 7.54 9.54 13.20
CA LYS A 5 7.15 9.09 14.52
C LYS A 5 5.63 8.99 14.62
N ASP A 6 4.92 9.95 14.03
CA ASP A 6 3.47 9.97 14.11
C ASP A 6 2.84 8.88 13.22
N LEU A 8 4.25 6.03 12.59
CA LEU A 8 4.50 4.81 13.34
C LEU A 8 3.56 4.67 14.54
N SER A 9 3.40 5.74 15.33
CA SER A 9 2.55 5.61 16.50
CA SER A 9 2.52 5.73 16.50
C SER A 9 1.10 5.40 16.08
N ASN A 10 0.65 6.03 15.00
CA ASN A 10 -0.72 5.78 14.55
C ASN A 10 -0.88 4.36 14.02
N GLY A 11 0.15 3.79 13.40
CA GLY A 11 0.11 2.39 13.02
C GLY A 11 0.05 1.46 14.22
N ILE A 12 0.83 1.76 15.26
CA ILE A 12 0.85 0.96 16.49
CA ILE A 12 0.86 0.93 16.46
C ILE A 12 -0.52 0.94 17.15
N LYS A 13 -1.29 2.02 17.02
CA LYS A 13 -2.68 2.08 17.53
CA LYS A 13 -2.63 2.03 17.61
C LYS A 13 -3.58 1.01 16.96
N TYR A 14 -3.24 0.48 15.78
CA TYR A 14 -4.02 -0.59 15.14
C TYR A 14 -3.61 -2.00 15.54
N LEU A 15 -2.61 -2.17 16.41
CA LEU A 15 -2.24 -3.52 16.80
C LEU A 15 -3.48 -4.24 17.32
N ASP A 16 -3.62 -5.50 16.93
CA ASP A 16 -4.69 -6.41 17.35
C ASP A 16 -6.00 -6.19 16.63
N VAL A 17 -6.11 -5.18 15.77
CA VAL A 17 -7.31 -5.03 14.96
C VAL A 17 -7.41 -6.23 14.01
N PRO A 18 -8.60 -6.85 13.92
CA PRO A 18 -8.71 -8.02 13.05
C PRO A 18 -8.47 -7.76 11.56
N TYR A 19 -7.89 -8.76 10.92
CA TYR A 19 -7.76 -8.81 9.47
C TYR A 19 -9.06 -9.33 8.87
N VAL A 20 -9.63 -8.58 7.94
CA VAL A 20 -10.79 -9.03 7.18
C VAL A 20 -10.60 -8.55 5.75
N ALA A 21 -10.71 -9.49 4.81
CA ALA A 21 -10.61 -9.19 3.39
C ALA A 21 -11.90 -8.58 2.86
N HIS A 22 -11.76 -7.78 1.80
CA HIS A 22 -12.89 -7.32 0.98
CA HIS A 22 -12.87 -7.29 0.98
C HIS A 22 -13.81 -6.33 1.69
N THR A 23 -13.28 -5.61 2.68
CA THR A 23 -14.10 -4.67 3.43
C THR A 23 -14.63 -3.50 2.59
N LEU A 24 -14.04 -3.25 1.41
CA LEU A 24 -14.48 -2.13 0.55
C LEU A 24 -15.47 -2.55 -0.53
N GLU A 25 -15.86 -3.83 -0.57
CA GLU A 25 -16.55 -4.38 -1.76
C GLU A 25 -18.06 -4.59 -1.68
N ALA A 26 -18.76 -3.76 -0.92
CA ALA A 26 -20.22 -3.85 -0.90
C ALA A 26 -20.82 -3.69 -2.30
N ASP A 27 -21.98 -4.33 -2.49
CA ASP A 27 -22.78 -4.13 -3.68
C ASP A 27 -23.18 -2.66 -3.80
N GLY A 28 -23.47 -2.24 -5.01
CA GLY A 28 -23.94 -0.89 -5.27
C GLY A 28 -22.83 0.02 -5.73
N PRO A 29 -23.09 1.34 -5.74
CA PRO A 29 -22.11 2.26 -6.25
C PRO A 29 -20.87 2.31 -5.37
N GLU A 30 -19.74 2.63 -5.98
CA GLU A 30 -18.52 2.88 -5.24
C GLU A 30 -18.70 4.15 -4.42
N GLU A 31 -18.57 4.00 -3.10
CA GLU A 31 -18.66 5.09 -2.13
CA GLU A 31 -18.57 5.15 -2.22
C GLU A 31 -17.49 4.97 -1.17
N LEU A 32 -17.20 6.03 -0.43
CA LEU A 32 -16.12 5.99 0.56
C LEU A 32 -16.54 5.12 1.74
N VAL A 33 -15.84 4.02 1.96
CA VAL A 33 -16.10 3.10 3.04
C VAL A 33 -15.02 3.27 4.10
N ILE A 34 -15.45 3.48 5.34
CA ILE A 34 -14.54 3.60 6.46
C ILE A 34 -14.84 2.47 7.43
N ASN A 35 -13.92 1.52 7.54
CA ASN A 35 -14.04 0.40 8.47
C ASN A 35 -12.70 0.24 9.15
N CYS A 36 -12.54 0.95 10.25
CA CYS A 36 -11.26 0.95 10.95
C CYS A 36 -11.14 -0.22 11.93
N ASP A 37 -12.20 -1.01 12.11
CA ASP A 37 -12.23 -2.16 13.02
CA ASP A 37 -12.13 -2.17 13.01
C ASP A 37 -11.94 -3.50 12.31
N GLU A 38 -11.87 -3.47 10.98
CA GLU A 38 -11.64 -4.67 10.17
C GLU A 38 -10.80 -4.18 9.01
N VAL A 39 -9.56 -4.63 8.89
CA VAL A 39 -8.63 -4.07 7.90
C VAL A 39 -7.95 -5.17 7.09
N ASP A 40 -7.42 -4.76 5.93
CA ASP A 40 -6.45 -5.57 5.22
C ASP A 40 -5.15 -4.78 5.12
N CYS A 41 -4.16 -5.31 4.43
CA CYS A 41 -2.84 -4.66 4.49
C CYS A 41 -2.87 -3.26 3.89
N THR A 42 -3.71 -3.04 2.88
CA THR A 42 -3.77 -1.76 2.20
CA THR A 42 -3.77 -1.75 2.22
C THR A 42 -4.68 -0.79 2.96
N THR A 43 -5.86 -1.25 3.40
CA THR A 43 -6.71 -0.32 4.12
C THR A 43 -6.04 0.15 5.42
N LEU A 44 -5.26 -0.71 6.08
CA LEU A 44 -4.53 -0.27 7.26
C LEU A 44 -3.65 0.92 6.93
N VAL A 45 -2.84 0.78 5.91
CA VAL A 45 -1.94 1.87 5.52
C VAL A 45 -2.72 3.14 5.17
N GLU A 46 -3.81 2.98 4.42
CA GLU A 46 -4.63 4.12 4.05
C GLU A 46 -5.17 4.85 5.28
N TYR A 47 -5.71 4.11 6.24
CA TYR A 47 -6.26 4.75 7.43
C TYR A 47 -5.17 5.45 8.24
N VAL A 48 -4.01 4.80 8.37
CA VAL A 48 -2.92 5.40 9.12
C VAL A 48 -2.43 6.68 8.46
N LEU A 49 -2.22 6.63 7.14
CA LEU A 49 -1.79 7.81 6.40
C LEU A 49 -2.83 8.92 6.49
N ALA A 50 -4.11 8.57 6.34
CA ALA A 50 -5.19 9.58 6.40
C ALA A 50 -5.22 10.26 7.75
N GLU A 51 -5.08 9.48 8.82
CA GLU A 51 -5.08 10.05 10.15
C GLU A 51 -3.87 10.95 10.36
N THR A 52 -2.71 10.49 9.93
CA THR A 52 -1.50 11.25 10.17
C THR A 52 -1.46 12.56 9.35
N LEU A 53 -2.04 12.55 8.17
CA LEU A 53 -2.16 13.75 7.36
C LEU A 53 -3.14 14.77 7.90
N THR A 54 -4.01 14.36 8.82
CA THR A 54 -5.08 15.22 9.32
C THR A 54 -4.58 15.95 10.57
N PRO A 55 -4.44 17.28 10.49
CA PRO A 55 -3.94 17.96 11.68
C PRO A 55 -4.85 17.73 12.90
N LYS A 56 -4.19 17.51 14.05
CA LYS A 56 -4.79 17.03 15.29
C LYS A 56 -4.65 18.08 16.40
N LEU A 57 -5.76 18.42 17.05
CA LEU A 57 -5.80 19.53 18.00
C LEU A 57 -6.01 19.04 19.44
N SER A 63 -10.86 15.66 13.31
CA SER A 63 -12.13 15.92 12.62
C SER A 63 -12.47 14.69 11.78
N GLU A 64 -13.69 14.16 11.95
CA GLU A 64 -14.17 13.09 11.09
C GLU A 64 -14.20 13.51 9.63
N SER A 65 -14.66 14.74 9.36
CA SER A 65 -14.75 15.22 7.99
CA SER A 65 -14.75 15.23 7.98
C SER A 65 -13.37 15.33 7.36
N ALA A 66 -12.40 15.85 8.10
CA ALA A 66 -11.06 16.02 7.56
C ALA A 66 -10.38 14.66 7.35
N PHE A 67 -10.57 13.73 8.27
CA PHE A 67 -10.07 12.36 8.11
C PHE A 67 -10.62 11.75 6.83
N ALA A 68 -11.93 11.83 6.65
CA ALA A 68 -12.58 11.27 5.48
C ALA A 68 -12.06 11.91 4.21
N ASP A 69 -11.90 13.23 4.23
CA ASP A 69 -11.39 13.91 3.03
C ASP A 69 -9.97 13.45 2.67
N ASN A 70 -9.12 13.27 3.68
CA ASN A 70 -7.78 12.76 3.43
C ASN A 70 -7.81 11.32 2.95
N LEU A 71 -8.64 10.48 3.55
CA LEU A 71 -8.78 9.11 3.10
C LEU A 71 -9.20 9.07 1.63
N GLN A 72 -10.17 9.90 1.27
CA GLN A 72 -10.65 9.95 -0.10
C GLN A 72 -9.53 10.35 -1.07
N LYS A 73 -8.71 11.32 -0.67
CA LYS A 73 -7.57 11.79 -1.44
CA LYS A 73 -7.64 11.75 -1.56
C LYS A 73 -6.54 10.70 -1.71
N ILE A 74 -6.38 9.82 -0.73
CA ILE A 74 -5.43 8.71 -0.77
C ILE A 74 -5.97 7.55 -1.61
N ARG A 75 -7.24 7.23 -1.43
CA ARG A 75 -7.79 6.00 -1.96
C ARG A 75 -8.23 6.13 -3.42
N TYR A 76 -8.62 7.32 -3.85
CA TYR A 76 -9.19 7.56 -5.17
C TYR A 76 -8.27 8.44 -5.99
N ARG A 77 -8.29 8.21 -7.30
CA ARG A 77 -7.49 8.96 -8.25
C ARG A 77 -7.84 10.44 -8.18
N ASP A 78 -6.88 11.26 -7.75
CA ASP A 78 -7.09 12.70 -7.53
C ASP A 78 -8.24 12.98 -6.58
N GLY A 79 -8.54 12.04 -5.70
CA GLY A 79 -9.60 12.23 -4.72
C GLY A 79 -11.01 12.27 -5.26
N LYS A 80 -11.19 11.84 -6.50
CA LYS A 80 -12.50 11.91 -7.14
CA LYS A 80 -12.49 11.91 -7.17
C LYS A 80 -13.13 10.53 -7.21
N ILE A 81 -14.23 10.36 -6.50
CA ILE A 81 -14.92 9.09 -6.49
C ILE A 81 -15.77 9.00 -7.75
N ASP A 82 -15.49 8.01 -8.58
CA ASP A 82 -16.16 7.81 -9.86
C ASP A 82 -16.10 6.36 -10.25
N GLY A 83 -16.84 5.55 -9.52
CA GLY A 83 -16.95 4.14 -9.81
C GLY A 83 -15.82 3.30 -9.26
N TYR A 84 -15.97 2.00 -9.40
CA TYR A 84 -15.00 1.04 -8.90
C TYR A 84 -13.60 1.34 -9.43
N THR A 85 -13.51 1.72 -10.71
CA THR A 85 -12.20 1.89 -11.31
C THR A 85 -11.49 3.19 -10.95
N SER A 86 -12.17 4.08 -10.22
CA SER A 86 -11.51 5.28 -9.68
C SER A 86 -10.73 4.98 -8.40
N ARG A 87 -10.98 3.83 -7.77
CA ARG A 87 -10.19 3.42 -6.61
C ARG A 87 -8.81 3.01 -7.11
N LEU A 88 -7.77 3.35 -6.36
CA LEU A 88 -6.40 3.11 -6.80
C LEU A 88 -5.96 1.70 -6.41
N HIS A 89 -6.49 0.74 -7.15
CA HIS A 89 -6.26 -0.68 -6.86
C HIS A 89 -4.80 -1.10 -6.97
N TYR A 90 -4.11 -0.58 -7.97
CA TYR A 90 -2.71 -0.93 -8.17
C TYR A 90 -1.82 0.01 -7.38
N ILE A 91 -0.89 -0.54 -6.62
CA ILE A 91 -0.10 0.29 -5.75
C ILE A 91 0.83 1.23 -6.52
N ALA A 92 1.29 0.85 -7.71
CA ALA A 92 2.07 1.82 -8.51
C ALA A 92 1.24 3.08 -8.75
N ASP A 93 -0.05 2.88 -9.03
CA ASP A 93 -0.99 3.98 -9.32
C ASP A 93 -1.28 4.79 -8.05
N TRP A 94 -1.46 4.09 -6.94
CA TRP A 94 -1.64 4.68 -5.61
C TRP A 94 -0.45 5.57 -5.25
N ILE A 95 0.77 5.08 -5.50
CA ILE A 95 1.97 5.84 -5.26
C ILE A 95 1.98 7.07 -6.16
N ASN A 96 1.73 6.90 -7.45
CA ASN A 96 1.75 8.04 -8.37
C ASN A 96 0.76 9.11 -7.94
N ASN A 97 -0.42 8.71 -7.48
CA ASN A 97 -1.41 9.65 -6.99
C ASN A 97 -0.87 10.48 -5.83
N GLY A 98 -0.22 9.83 -4.88
CA GLY A 98 0.34 10.54 -3.74
C GLY A 98 1.51 11.43 -4.11
N VAL A 99 2.35 11.00 -5.03
CA VAL A 99 3.46 11.83 -5.49
C VAL A 99 2.92 13.05 -6.24
N ARG A 100 2.02 12.81 -7.20
CA ARG A 100 1.46 13.89 -8.01
C ARG A 100 0.74 14.92 -7.15
N ASN A 101 0.03 14.47 -6.13
CA ASN A 101 -0.80 15.33 -5.29
C ASN A 101 -0.11 15.76 -4.00
N GLY A 102 1.18 15.51 -3.89
CA GLY A 102 2.02 16.16 -2.90
C GLY A 102 2.08 15.58 -1.52
N PHE A 103 1.48 14.39 -1.31
CA PHE A 103 1.46 13.82 0.03
C PHE A 103 2.32 12.55 0.21
N LEU A 104 3.00 12.11 -0.84
CA LEU A 104 3.99 11.06 -0.75
C LEU A 104 5.27 11.46 -1.47
N GLN A 105 6.38 10.98 -0.92
CA GLN A 105 7.67 10.99 -1.58
CA GLN A 105 7.70 11.00 -1.53
C GLN A 105 8.07 9.55 -1.87
N ASP A 106 8.64 9.35 -3.05
CA ASP A 106 9.14 8.04 -3.50
C ASP A 106 10.60 7.95 -3.06
N VAL A 107 10.82 7.32 -1.91
CA VAL A 107 12.14 7.26 -1.31
C VAL A 107 13.06 6.32 -2.09
N THR A 108 12.59 5.12 -2.42
CA THR A 108 13.38 4.25 -3.28
C THR A 108 13.73 4.93 -4.62
N GLY A 109 12.85 5.79 -5.12
CA GLY A 109 13.12 6.57 -6.32
C GLY A 109 14.43 7.34 -6.25
N ALA A 110 14.75 7.86 -5.06
CA ALA A 110 15.98 8.61 -4.84
C ALA A 110 17.14 7.75 -4.37
N SER A 112 17.57 4.05 -4.23
CA SER A 112 17.96 2.76 -4.75
C SER A 112 18.25 2.84 -6.23
N PRO A 113 19.43 2.35 -6.66
CA PRO A 113 19.75 2.36 -8.08
C PRO A 113 19.02 1.33 -8.94
N ASP A 114 18.45 0.33 -8.30
CA ASP A 114 17.80 -0.74 -9.01
C ASP A 114 16.44 -0.31 -9.47
N THR A 115 16.07 -0.76 -10.67
CA THR A 115 14.78 -0.42 -11.21
C THR A 115 14.09 -1.62 -11.83
N GLU A 116 12.77 -1.56 -11.89
N GLU A 116 12.78 -1.43 -11.97
CA GLU A 116 12.02 -2.58 -12.60
CA GLU A 116 11.85 -2.39 -12.51
C GLU A 116 10.97 -1.90 -13.48
C GLU A 116 11.05 -1.73 -13.58
N ARG A 117 10.77 -2.48 -14.66
CA ARG A 117 9.81 -2.00 -15.65
C ARG A 117 8.44 -2.59 -15.28
N LEU A 118 7.46 -1.74 -15.01
CA LEU A 118 6.15 -2.20 -14.60
C LEU A 118 5.47 -2.99 -15.72
N SER A 119 4.83 -4.08 -15.31
CA SER A 119 4.02 -4.89 -16.20
CA SER A 119 3.99 -4.88 -16.21
C SER A 119 2.76 -5.23 -15.42
N ILE A 120 1.71 -4.44 -15.63
CA ILE A 120 0.50 -4.51 -14.83
C ILE A 120 -0.67 -4.86 -15.71
N SER A 121 -1.34 -5.96 -15.36
CA SER A 121 -2.46 -6.49 -16.12
C SER A 121 -3.31 -7.50 -15.36
N TYR A 122 -3.05 -7.74 -14.07
CA TYR A 122 -3.67 -8.87 -13.38
C TYR A 122 -5.19 -8.80 -13.36
N SER A 124 -7.59 -7.10 -15.20
CA SER A 124 -8.31 -7.33 -16.44
C SER A 124 -8.07 -8.73 -16.99
N SER A 125 -6.93 -9.33 -16.67
CA SER A 125 -6.61 -10.69 -17.09
CA SER A 125 -6.65 -10.68 -17.14
C SER A 125 -7.41 -11.74 -16.34
N HIS A 126 -7.86 -11.38 -15.13
CA HIS A 126 -8.55 -12.31 -14.24
C HIS A 126 -9.81 -11.69 -13.65
N PRO A 127 -10.73 -11.26 -14.53
CA PRO A 127 -11.89 -10.50 -14.04
C PRO A 127 -12.84 -11.31 -13.18
N GLN A 128 -12.79 -12.63 -13.30
CA GLN A 128 -13.63 -13.50 -12.48
C GLN A 128 -13.36 -13.35 -11.00
N LEU A 129 -12.18 -12.83 -10.66
CA LEU A 129 -11.77 -12.69 -9.28
C LEU A 129 -12.26 -11.41 -8.61
N TYR A 130 -12.94 -10.53 -9.35
N TYR A 130 -12.96 -10.56 -9.34
CA TYR A 130 -13.39 -9.23 -8.82
CA TYR A 130 -13.35 -9.23 -8.85
C TYR A 130 -14.83 -9.02 -9.20
C TYR A 130 -14.82 -9.02 -9.21
N LYS A 131 -15.68 -8.89 -8.20
CA LYS A 131 -17.11 -8.77 -8.41
C LYS A 131 -17.49 -7.67 -9.40
N GLN A 132 -16.81 -6.53 -9.31
CA GLN A 132 -17.12 -5.35 -10.11
C GLN A 132 -16.50 -5.39 -11.50
N LEU A 133 -15.73 -6.44 -11.79
CA LEU A 133 -15.24 -6.68 -13.15
C LEU A 133 -15.94 -7.82 -13.87
N ALA A 134 -16.32 -8.86 -13.13
CA ALA A 134 -16.79 -10.11 -13.71
C ALA A 134 -17.97 -9.98 -14.65
N ASN A 135 -18.80 -8.98 -14.39
CA ASN A 135 -20.00 -8.73 -15.20
C ASN A 135 -20.08 -7.29 -15.73
N SER A 136 -18.93 -6.60 -15.78
CA SER A 136 -18.86 -5.22 -16.22
C SER A 136 -17.79 -5.06 -17.27
N PRO A 137 -18.16 -5.30 -18.53
CA PRO A 137 -17.21 -5.02 -19.59
C PRO A 137 -16.72 -3.58 -19.59
N GLU A 138 -17.55 -2.64 -19.14
CA GLU A 138 -17.13 -1.25 -19.07
C GLU A 138 -16.00 -1.09 -18.06
N ASN A 139 -16.16 -1.68 -16.87
CA ASN A 139 -15.10 -1.58 -15.87
C ASN A 139 -13.84 -2.30 -16.31
N VAL A 140 -13.97 -3.46 -16.94
CA VAL A 140 -12.80 -4.16 -17.45
C VAL A 140 -12.04 -3.28 -18.45
N ALA A 141 -12.75 -2.63 -19.37
CA ALA A 141 -12.11 -1.77 -20.34
C ALA A 141 -11.41 -0.59 -19.68
N LYS A 142 -12.06 0.01 -18.67
CA LYS A 142 -11.44 1.10 -17.93
C LYS A 142 -10.16 0.62 -17.25
N LYS A 144 -8.23 -1.91 -18.24
CA LYS A 144 -7.20 -2.13 -19.26
C LYS A 144 -6.51 -0.83 -19.63
N LYS A 145 -7.27 0.27 -19.76
CA LYS A 145 -6.65 1.54 -20.10
CA LYS A 145 -6.66 1.56 -20.09
C LYS A 145 -5.70 2.00 -18.98
N ILE A 146 -6.13 1.86 -17.73
CA ILE A 146 -5.29 2.20 -16.58
C ILE A 146 -4.01 1.34 -16.59
N GLU A 147 -4.18 0.04 -16.79
CA GLU A 147 -3.06 -0.90 -16.82
C GLU A 147 -2.06 -0.56 -17.90
N GLN A 148 -2.56 -0.25 -19.09
CA GLN A 148 -1.67 0.05 -20.20
CA GLN A 148 -1.70 0.10 -20.21
C GLN A 148 -0.88 1.35 -19.92
N SER A 149 -1.52 2.33 -19.28
CA SER A 149 -0.83 3.57 -18.96
CA SER A 149 -0.87 3.58 -18.92
C SER A 149 0.21 3.40 -17.85
N LEU A 150 -0.03 2.50 -16.90
CA LEU A 150 0.93 2.22 -15.83
C LEU A 150 2.13 1.44 -16.34
N SER A 151 1.86 0.52 -17.27
CA SER A 151 2.85 -0.44 -17.71
C SER A 151 3.91 0.22 -18.59
N GLY A 152 5.12 -0.33 -18.55
CA GLY A 152 6.23 0.17 -19.35
C GLY A 152 7.05 1.23 -18.66
N LYS A 153 6.60 1.76 -17.54
CA LYS A 153 7.33 2.78 -16.81
CA LYS A 153 7.37 2.76 -16.82
C LYS A 153 8.34 2.10 -15.88
N GLU A 154 9.51 2.71 -15.72
CA GLU A 154 10.53 2.23 -14.76
CA GLU A 154 10.48 2.21 -14.79
C GLU A 154 10.26 2.85 -13.41
N VAL A 155 10.34 2.04 -12.39
CA VAL A 155 10.29 2.51 -11.02
C VAL A 155 11.49 1.95 -10.30
N HIS A 156 11.91 2.62 -9.25
CA HIS A 156 13.00 2.14 -8.43
C HIS A 156 12.49 1.25 -7.33
N TYR A 157 13.28 0.24 -6.98
CA TYR A 157 12.92 -0.64 -5.87
C TYR A 157 14.20 -1.15 -5.25
N LEU A 158 14.09 -1.71 -4.06
CA LEU A 158 15.21 -2.32 -3.37
C LEU A 158 15.04 -3.83 -3.45
N PRO A 159 15.92 -4.53 -4.20
CA PRO A 159 15.83 -5.99 -4.23
C PRO A 159 16.00 -6.58 -2.83
N LYS A 160 15.31 -7.67 -2.56
CA LYS A 160 15.28 -8.18 -1.20
CA LYS A 160 15.27 -8.31 -1.24
C LYS A 160 16.65 -8.58 -0.66
N ALA A 161 17.57 -9.05 -1.48
CA ALA A 161 18.89 -9.40 -0.99
C ALA A 161 19.69 -8.20 -0.50
N LYS A 162 19.28 -7.00 -0.88
CA LYS A 162 19.96 -5.77 -0.50
C LYS A 162 19.34 -5.11 0.72
N LEU A 163 18.36 -5.77 1.35
CA LEU A 163 17.78 -5.26 2.60
C LEU A 163 18.33 -6.02 3.81
N PRO A 164 19.14 -5.36 4.65
CA PRO A 164 19.60 -6.03 5.85
C PRO A 164 18.50 -6.18 6.91
N ALA A 165 18.73 -7.10 7.84
CA ALA A 165 17.85 -7.23 9.00
C ALA A 165 17.72 -5.93 9.78
N ASP A 166 18.83 -5.20 9.89
CA ASP A 166 18.86 -3.93 10.61
C ASP A 166 18.53 -2.73 9.71
N GLY A 167 17.93 -2.99 8.55
CA GLY A 167 17.48 -1.94 7.69
C GLY A 167 18.59 -1.18 7.02
N LEU A 168 18.25 0.03 6.57
CA LEU A 168 19.19 0.94 5.94
C LEU A 168 18.89 2.32 6.46
N PRO A 169 19.91 3.19 6.55
CA PRO A 169 19.67 4.48 7.21
CA PRO A 169 19.70 4.50 7.19
C PRO A 169 18.68 5.40 6.50
N TRP A 170 18.42 5.16 5.22
CA TRP A 170 17.44 5.94 4.49
C TRP A 170 16.02 5.39 4.56
N ILE A 171 15.83 4.25 5.21
CA ILE A 171 14.50 3.74 5.54
C ILE A 171 14.26 4.13 7.00
N LYS A 172 13.16 4.85 7.24
CA LYS A 172 12.89 5.44 8.55
CA LYS A 172 12.88 5.45 8.54
CA LYS A 172 12.90 5.43 8.55
C LYS A 172 11.59 4.91 9.16
N ASP A 173 11.53 4.93 10.50
CA ASP A 173 10.29 4.66 11.20
C ASP A 173 9.14 5.42 10.54
N GLY A 174 8.05 4.70 10.32
CA GLY A 174 6.85 5.32 9.73
C GLY A 174 6.78 5.31 8.22
N ASP A 175 7.87 4.94 7.55
CA ASP A 175 7.82 4.83 6.12
C ASP A 175 6.82 3.75 5.72
N ILE A 176 6.22 3.97 4.55
CA ILE A 176 5.30 3.00 3.97
C ILE A 176 6.10 2.06 3.08
N ILE A 177 5.91 0.76 3.30
CA ILE A 177 6.62 -0.28 2.60
C ILE A 177 5.63 -0.98 1.68
N ALA A 178 5.94 -1.05 0.39
CA ALA A 178 5.19 -1.80 -0.60
C ALA A 178 6.06 -2.94 -1.09
N ILE A 179 5.60 -4.16 -0.90
CA ILE A 179 6.40 -5.34 -1.23
C ILE A 179 6.14 -5.73 -2.69
N THR A 180 7.20 -5.71 -3.49
CA THR A 180 7.11 -6.01 -4.90
C THR A 180 7.05 -7.53 -5.11
N THR A 181 6.43 -7.95 -6.21
CA THR A 181 6.13 -9.35 -6.45
C THR A 181 6.40 -9.78 -7.88
N ASN A 182 6.81 -11.04 -8.03
CA ASN A 182 6.97 -11.64 -9.35
C ASN A 182 5.70 -12.28 -9.91
N THR A 183 4.57 -12.13 -9.23
CA THR A 183 3.30 -12.57 -9.80
C THR A 183 3.11 -11.87 -11.15
N PRO A 184 2.84 -12.64 -12.22
CA PRO A 184 2.66 -12.00 -13.52
C PRO A 184 1.49 -11.01 -13.50
N GLY A 185 1.75 -9.82 -14.03
CA GLY A 185 0.75 -8.79 -14.15
C GLY A 185 0.48 -8.00 -12.90
N LEU A 186 1.21 -8.25 -11.81
CA LEU A 186 0.97 -7.56 -10.56
C LEU A 186 2.27 -6.96 -10.06
N ASP A 187 2.22 -5.71 -9.61
CA ASP A 187 3.41 -5.00 -9.19
C ASP A 187 3.76 -5.18 -7.71
N VAL A 188 2.75 -5.15 -6.85
CA VAL A 188 2.89 -5.16 -5.40
C VAL A 188 1.91 -6.14 -4.81
N ALA A 189 2.35 -6.89 -3.79
CA ALA A 189 1.55 -7.93 -3.15
C ALA A 189 1.14 -7.63 -1.71
N HIS A 190 1.82 -6.73 -1.01
CA HIS A 190 1.59 -6.53 0.43
CA HIS A 190 1.60 -6.54 0.42
C HIS A 190 2.16 -5.17 0.79
N GLY A 192 2.99 -2.42 4.48
CA GLY A 192 3.02 -2.20 5.89
C GLY A 192 3.78 -0.93 6.21
N ILE A 193 4.05 -0.74 7.51
CA ILE A 193 4.71 0.45 8.03
CA ILE A 193 4.73 0.45 8.00
C ILE A 193 6.03 0.04 8.69
N ALA A 194 7.11 0.72 8.34
CA ALA A 194 8.43 0.42 8.91
C ALA A 194 8.51 0.75 10.40
N PHE A 195 9.10 -0.16 11.15
CA PHE A 195 9.27 -0.01 12.59
C PHE A 195 10.61 -0.62 13.00
N TYR A 196 11.52 0.23 13.48
CA TYR A 196 12.78 -0.25 14.04
C TYR A 196 12.57 -0.56 15.52
N ALA A 197 12.82 -1.81 15.88
CA ALA A 197 12.69 -2.28 17.26
C ALA A 197 14.04 -2.88 17.62
N ASP A 198 14.75 -2.23 18.54
CA ASP A 198 16.07 -2.67 18.93
C ASP A 198 16.95 -2.87 17.71
N ASN A 199 16.92 -1.87 16.84
CA ASN A 199 17.71 -1.83 15.62
C ASN A 199 17.34 -2.80 14.50
N LYS A 200 16.41 -3.73 14.73
CA LYS A 200 15.91 -4.56 13.64
C LYS A 200 14.81 -3.80 12.93
N LEU A 201 14.82 -3.83 11.59
CA LEU A 201 13.72 -3.27 10.82
C LEU A 201 12.62 -4.32 10.69
N LEU A 202 11.54 -4.07 11.44
CA LEU A 202 10.33 -4.86 11.46
C LEU A 202 9.24 -4.16 10.65
N LEU A 203 8.14 -4.85 10.46
CA LEU A 203 6.98 -4.30 9.77
C LEU A 203 5.75 -4.36 10.66
N VAL A 204 5.05 -3.24 10.78
CA VAL A 204 3.71 -3.21 11.35
C VAL A 204 2.76 -3.40 10.17
N HIS A 205 1.95 -4.45 10.19
CA HIS A 205 1.15 -4.78 9.04
C HIS A 205 -0.04 -5.64 9.41
N ALA A 206 -1.04 -5.62 8.53
CA ALA A 206 -2.21 -6.49 8.65
C ALA A 206 -1.86 -7.84 8.06
N SER A 207 -1.78 -8.84 8.94
CA SER A 207 -1.34 -10.19 8.58
C SER A 207 -2.55 -11.10 8.41
N SER A 208 -2.73 -11.64 7.21
CA SER A 208 -3.83 -12.59 6.98
C SER A 208 -3.62 -13.89 7.76
N THR A 209 -2.36 -14.30 7.95
CA THR A 209 -2.06 -15.53 8.66
CA THR A 209 -2.09 -15.54 8.66
C THR A 209 -2.34 -15.38 10.16
N ASP A 210 -1.91 -14.27 10.75
CA ASP A 210 -2.17 -14.04 12.17
CA ASP A 210 -2.16 -14.00 12.17
C ASP A 210 -3.58 -13.50 12.40
N LYS A 211 -4.27 -13.14 11.31
CA LYS A 211 -5.65 -12.69 11.35
C LYS A 211 -5.82 -11.35 12.07
N LYS A 212 -4.77 -10.55 12.11
CA LYS A 212 -4.83 -9.26 12.79
CA LYS A 212 -4.81 -9.27 12.82
C LYS A 212 -3.60 -8.42 12.44
N VAL A 213 -3.63 -7.15 12.86
CA VAL A 213 -2.48 -6.27 12.71
C VAL A 213 -1.45 -6.63 13.78
N VAL A 214 -0.20 -6.80 13.33
CA VAL A 214 0.90 -7.26 14.17
C VAL A 214 2.16 -6.44 13.91
N VAL A 215 3.07 -6.52 14.86
CA VAL A 215 4.49 -6.27 14.65
C VAL A 215 5.09 -7.59 14.19
N SER A 216 5.78 -7.60 13.06
CA SER A 216 6.36 -8.83 12.56
C SER A 216 7.32 -9.45 13.58
N LYS A 217 7.28 -10.78 13.67
CA LYS A 217 8.15 -11.51 14.60
CA LYS A 217 8.13 -11.55 14.57
C LYS A 217 9.57 -11.63 14.05
N VAL A 218 9.73 -11.55 12.73
CA VAL A 218 11.01 -11.58 12.08
C VAL A 218 11.21 -10.25 11.36
N PRO A 219 12.45 -9.89 11.06
CA PRO A 219 12.68 -8.66 10.33
C PRO A 219 12.05 -8.69 8.94
N LEU A 220 11.80 -7.50 8.42
CA LEU A 220 11.30 -7.37 7.05
C LEU A 220 12.18 -8.16 6.05
N SER A 221 13.50 -8.12 6.23
CA SER A 221 14.39 -8.87 5.36
C SER A 221 14.01 -10.35 5.33
N GLN A 222 13.68 -10.92 6.49
CA GLN A 222 13.30 -12.34 6.59
C GLN A 222 11.93 -12.59 5.97
N LEU A 224 10.73 -11.11 3.48
CA LEU A 224 10.97 -11.17 2.04
C LEU A 224 11.63 -12.50 1.65
N LYS A 225 12.63 -12.92 2.40
CA LYS A 225 13.32 -14.18 2.12
CA LYS A 225 13.30 -14.21 2.12
C LYS A 225 12.34 -15.35 2.10
N ASP A 226 11.38 -15.34 3.01
CA ASP A 226 10.46 -16.46 3.20
C ASP A 226 9.38 -16.61 2.14
N ASN A 227 9.23 -15.64 1.25
CA ASN A 227 8.26 -15.73 0.17
C ASN A 227 8.97 -15.60 -1.15
N ASN A 228 9.03 -16.68 -1.91
CA ASN A 228 9.76 -16.68 -3.17
CA ASN A 228 9.77 -16.68 -3.16
C ASN A 228 9.19 -15.73 -4.20
N LYS A 229 7.94 -15.31 -4.01
CA LYS A 229 7.33 -14.37 -4.94
C LYS A 229 7.64 -12.91 -4.60
N TRP A 230 8.06 -12.65 -3.37
CA TRP A 230 8.33 -11.29 -2.94
C TRP A 230 9.74 -10.92 -3.33
N THR A 231 9.89 -9.92 -4.18
CA THR A 231 11.17 -9.64 -4.80
C THR A 231 11.93 -8.48 -4.16
N GLY A 232 11.25 -7.67 -3.37
CA GLY A 232 11.88 -6.46 -2.88
C GLY A 232 10.84 -5.51 -2.35
N ILE A 233 11.23 -4.24 -2.20
CA ILE A 233 10.33 -3.23 -1.66
C ILE A 233 10.47 -1.91 -2.40
N ARG A 234 9.35 -1.18 -2.43
CA ARG A 234 9.34 0.25 -2.64
C ARG A 234 9.11 0.89 -1.28
N VAL A 235 9.75 2.03 -1.05
CA VAL A 235 9.68 2.76 0.19
C VAL A 235 9.13 4.15 -0.10
N LEU A 236 8.00 4.46 0.53
CA LEU A 236 7.31 5.74 0.35
C LEU A 236 7.27 6.45 1.69
N ARG A 237 7.15 7.78 1.65
CA ARG A 237 7.15 8.57 2.88
C ARG A 237 6.10 9.66 2.79
N LYS A 239 4.37 13.12 3.07
CA LYS A 239 4.77 14.51 3.00
CA LYS A 239 4.74 14.53 2.97
C LYS A 239 3.57 15.32 3.47
N LYS A 240 3.77 16.05 4.56
CA LYS A 240 2.74 16.79 5.29
C LYS A 240 3.15 18.27 5.43
#